data_6DAA
#
_entry.id   6DAA
#
_cell.length_a   76.329
_cell.length_b   101.920
_cell.length_c   126.220
_cell.angle_alpha   90.00
_cell.angle_beta   90.00
_cell.angle_gamma   90.00
#
_symmetry.space_group_name_H-M   'I 2 2 2'
#
loop_
_entity.id
_entity.type
_entity.pdbx_description
1 polymer 'Cytochrome P450 3A4'
2 non-polymer 'PROTOPORPHYRIN IX CONTAINING FE'
3 non-polymer 'tert-butyl [(2S)-1-{[(2R)-1-oxo-3-phenyl-1-{[(pyridin-3-yl)methyl]amino}propan-2-yl]sulfanyl}-3-phenylpropan-2-yl]carbamate'
4 water water
#
_entity_poly.entity_id   1
_entity_poly.type   'polypeptide(L)'
_entity_poly.pdbx_seq_one_letter_code
;MAYLYGTHSHGLFKKLGIPGPTPLPFLGNILSYHKGFCMFDMECHKKYGKVWGFYDGQQPVLAITDPDMIKTVLVKECYS
VFTNRRPFGPVGFMKSAISIAEDEEWKRLRSLLSPTFTSGKLKEMVPIIAQYGDVLVRNLRREAETGKPVTLKDVFGAYS
MDVITSTSFGVNIDSLNNPQDPFVENTKKLLRFDFLDPFFLSITVFPFLIPILEVLNICVFPREVTNFLRKSVKRMKESR
LEDTQKHRVDFLQLMIDSQNSKETESHKALSDLELVAQSIIFIFAGYETTSSVLSFIMYELATHPDVQQKLQEEIDAVLP
NKAPPTYDTVLQMEYLDMVVNETLRLFPIAMRLERVCKKDVEINGMFIPKGVVVMIPSYALHRDPKYWTEPEKFLPERFS
KKNKDNIDPYIYTPFGSGPRNCIGMRFALMNMKLALIRVLQNFSFKPCKETQIPLKLSLGGLLQPEKPVVLKVESRDGTV
SGAHHHH
;
_entity_poly.pdbx_strand_id   A
#
loop_
_chem_comp.id
_chem_comp.type
_chem_comp.name
_chem_comp.formula
G0M non-polymer 'tert-butyl [(2S)-1-{[(2R)-1-oxo-3-phenyl-1-{[(pyridin-3-yl)methyl]amino}propan-2-yl]sulfanyl}-3-phenylpropan-2-yl]carbamate' 'C29 H35 N3 O3 S'
HEM non-polymer 'PROTOPORPHYRIN IX CONTAINING FE' 'C34 H32 Fe N4 O4'
#
# COMPACT_ATOMS: atom_id res chain seq x y z
N THR A 7 -3.62 -31.30 10.27
CA THR A 7 -2.93 -31.23 11.55
C THR A 7 -2.44 -32.62 11.97
N HIS A 8 -1.23 -32.68 12.53
CA HIS A 8 -0.38 -31.51 12.75
C HIS A 8 0.61 -31.32 11.62
N SER A 9 0.39 -30.25 10.85
CA SER A 9 1.31 -29.83 9.81
C SER A 9 2.63 -29.31 10.37
N HIS A 10 2.79 -29.28 11.70
CA HIS A 10 3.92 -28.61 12.32
C HIS A 10 5.22 -29.37 12.18
N GLY A 11 5.20 -30.51 11.48
CA GLY A 11 6.40 -31.21 11.08
C GLY A 11 6.94 -30.92 9.69
N LEU A 12 6.27 -30.06 8.91
CA LEU A 12 6.58 -29.96 7.49
C LEU A 12 7.99 -29.45 7.23
N PHE A 13 8.36 -28.32 7.84
CA PHE A 13 9.69 -27.77 7.56
C PHE A 13 10.78 -28.66 8.15
N LYS A 14 10.51 -29.25 9.31
CA LYS A 14 11.41 -30.22 9.89
C LYS A 14 11.70 -31.34 8.90
N LYS A 15 10.68 -31.79 8.16
CA LYS A 15 10.87 -32.82 7.15
C LYS A 15 11.76 -32.33 6.02
N LEU A 16 11.37 -31.24 5.37
CA LEU A 16 12.08 -30.73 4.19
C LEU A 16 13.46 -30.20 4.57
N GLY A 17 13.80 -30.26 5.86
CA GLY A 17 15.06 -29.75 6.32
C GLY A 17 15.23 -28.24 6.24
N ILE A 18 14.13 -27.48 6.25
CA ILE A 18 14.18 -26.03 6.28
C ILE A 18 14.14 -25.57 7.74
N PRO A 19 15.02 -24.68 8.17
CA PRO A 19 15.03 -24.27 9.58
C PRO A 19 13.90 -23.29 9.84
N GLY A 20 13.72 -22.97 11.12
CA GLY A 20 12.68 -22.07 11.55
C GLY A 20 12.40 -22.18 13.04
N PRO A 21 11.68 -21.21 13.60
CA PRO A 21 11.35 -21.26 15.04
C PRO A 21 10.32 -22.33 15.33
N THR A 22 10.52 -23.02 16.45
CA THR A 22 9.63 -24.13 16.81
C THR A 22 8.21 -23.64 17.08
N PRO A 23 7.19 -24.19 16.43
CA PRO A 23 5.81 -23.75 16.68
C PRO A 23 5.23 -24.37 17.94
N LEU A 24 4.34 -23.60 18.60
CA LEU A 24 3.51 -24.11 19.69
C LEU A 24 2.25 -24.75 19.12
N PRO A 25 1.79 -25.87 19.71
CA PRO A 25 0.52 -26.46 19.25
C PRO A 25 -0.58 -25.42 19.09
N PHE A 26 -1.37 -25.58 18.01
CA PHE A 26 -2.47 -24.70 17.61
C PHE A 26 -1.97 -23.31 17.16
N LEU A 27 -1.25 -22.58 18.00
CA LEU A 27 -0.84 -21.22 17.65
C LEU A 27 0.26 -21.10 16.59
N GLY A 28 0.99 -22.17 16.31
CA GLY A 28 2.15 -22.03 15.46
C GLY A 28 3.10 -21.04 16.11
N ASN A 29 3.60 -20.09 15.32
CA ASN A 29 4.58 -19.15 15.81
C ASN A 29 3.99 -17.79 16.08
N ILE A 30 2.67 -17.67 16.23
CA ILE A 30 2.12 -16.32 16.16
C ILE A 30 2.40 -15.51 17.42
N LEU A 31 2.64 -16.15 18.55
CA LEU A 31 3.03 -15.38 19.73
C LEU A 31 4.22 -14.51 19.42
N SER A 32 5.04 -14.93 18.43
CA SER A 32 6.24 -14.17 18.03
C SER A 32 5.89 -12.89 17.32
N TYR A 33 4.61 -12.59 17.08
CA TYR A 33 4.19 -11.35 16.43
C TYR A 33 4.00 -10.21 17.41
N HIS A 34 4.20 -10.48 18.70
CA HIS A 34 3.88 -9.49 19.74
C HIS A 34 4.67 -8.22 19.56
N LYS A 35 5.90 -8.31 19.05
CA LYS A 35 6.67 -7.13 18.70
C LYS A 35 6.50 -6.72 17.26
N GLY A 36 5.60 -7.35 16.53
CA GLY A 36 5.25 -6.94 15.17
C GLY A 36 5.80 -7.91 14.13
N PHE A 37 5.07 -8.02 13.01
CA PHE A 37 5.51 -8.85 11.89
C PHE A 37 6.93 -8.51 11.50
N CYS A 38 7.25 -7.23 11.50
CA CYS A 38 8.49 -6.77 10.90
C CYS A 38 9.68 -7.21 11.71
N MET A 39 9.62 -6.98 13.02
CA MET A 39 10.71 -7.35 13.90
C MET A 39 10.97 -8.85 13.82
N PHE A 40 9.89 -9.63 13.78
CA PHE A 40 9.97 -11.08 13.65
C PHE A 40 10.69 -11.49 12.38
N ASP A 41 10.32 -10.85 11.26
CA ASP A 41 10.97 -11.16 9.99
C ASP A 41 12.45 -10.79 10.02
N MET A 42 12.81 -9.64 10.60
CA MET A 42 14.22 -9.29 10.75
CA MET A 42 14.22 -9.31 10.72
C MET A 42 14.96 -10.34 11.57
N GLU A 43 14.35 -10.77 12.68
CA GLU A 43 15.05 -11.72 13.53
C GLU A 43 15.25 -13.03 12.79
N CYS A 44 14.20 -13.50 12.10
CA CYS A 44 14.32 -14.75 11.38
C CYS A 44 15.39 -14.67 10.31
N HIS A 45 15.42 -13.53 9.61
CA HIS A 45 16.41 -13.30 8.58
C HIS A 45 17.83 -13.46 9.12
N LYS A 46 18.12 -12.81 10.24
CA LYS A 46 19.43 -12.90 10.87
C LYS A 46 19.67 -14.26 11.51
N LYS A 47 18.66 -14.82 12.18
CA LYS A 47 18.80 -16.12 12.84
C LYS A 47 19.01 -17.26 11.84
N TYR A 48 18.43 -17.21 10.63
CA TYR A 48 18.29 -18.42 9.82
C TYR A 48 18.84 -18.33 8.39
N GLY A 49 19.11 -17.15 7.85
CA GLY A 49 19.72 -17.04 6.54
C GLY A 49 18.70 -16.76 5.43
N LYS A 50 18.86 -17.49 4.31
CA LYS A 50 18.16 -17.16 3.06
C LYS A 50 16.73 -17.71 2.99
N VAL A 51 16.42 -18.79 3.72
CA VAL A 51 15.10 -19.40 3.72
CA VAL A 51 15.07 -19.34 3.74
C VAL A 51 14.77 -19.80 5.15
N TRP A 52 13.49 -19.77 5.51
CA TRP A 52 13.06 -20.31 6.80
C TRP A 52 11.55 -20.48 6.77
N GLY A 53 11.05 -21.33 7.66
CA GLY A 53 9.63 -21.61 7.72
C GLY A 53 9.06 -21.36 9.10
N PHE A 54 7.78 -21.04 9.12
CA PHE A 54 7.05 -20.85 10.36
C PHE A 54 5.57 -21.10 10.07
N TYR A 55 4.74 -21.00 11.11
CA TYR A 55 3.38 -21.49 11.06
C TYR A 55 2.45 -20.40 11.61
N ASP A 56 1.56 -19.88 10.79
CA ASP A 56 0.45 -19.05 11.32
C ASP A 56 -0.65 -20.06 11.68
N GLY A 57 -0.80 -20.35 12.96
CA GLY A 57 -1.67 -21.45 13.36
C GLY A 57 -1.10 -22.74 12.78
N GLN A 58 -1.88 -23.41 11.93
CA GLN A 58 -1.44 -24.63 11.28
C GLN A 58 -0.93 -24.37 9.87
N GLN A 59 -0.91 -23.11 9.46
CA GLN A 59 -0.61 -22.76 8.07
C GLN A 59 0.88 -22.60 7.85
N PRO A 60 1.52 -23.47 7.09
CA PRO A 60 2.96 -23.32 6.81
C PRO A 60 3.25 -22.09 5.96
N VAL A 61 4.22 -21.31 6.41
CA VAL A 61 4.65 -20.12 5.70
C VAL A 61 6.14 -20.27 5.46
N LEU A 62 6.55 -20.24 4.18
CA LEU A 62 7.97 -20.33 3.82
C LEU A 62 8.47 -18.95 3.39
N ALA A 63 9.37 -18.38 4.17
CA ALA A 63 9.99 -17.12 3.81
C ALA A 63 11.17 -17.35 2.85
N ILE A 64 11.25 -16.55 1.79
CA ILE A 64 12.33 -16.63 0.83
C ILE A 64 12.90 -15.24 0.64
N THR A 65 14.22 -15.19 0.50
CA THR A 65 14.93 -13.94 0.35
C THR A 65 15.95 -13.94 -0.79
N ASP A 66 16.08 -15.02 -1.54
CA ASP A 66 16.98 -14.97 -2.68
C ASP A 66 16.32 -14.26 -3.86
N PRO A 67 16.99 -13.27 -4.46
CA PRO A 67 16.36 -12.48 -5.55
C PRO A 67 15.93 -13.30 -6.75
N ASP A 68 16.77 -14.23 -7.22
CA ASP A 68 16.35 -15.10 -8.31
C ASP A 68 15.15 -15.93 -7.92
N MET A 69 15.18 -16.49 -6.71
CA MET A 69 14.03 -17.26 -6.22
C MET A 69 12.80 -16.37 -6.11
N ILE A 70 12.98 -15.14 -5.62
CA ILE A 70 11.87 -14.19 -5.59
C ILE A 70 11.33 -13.94 -6.99
N LYS A 71 12.22 -13.65 -7.94
CA LYS A 71 11.77 -13.41 -9.31
C LYS A 71 11.04 -14.63 -9.88
N THR A 72 11.50 -15.84 -9.55
CA THR A 72 10.79 -17.04 -9.99
C THR A 72 9.37 -17.03 -9.46
N VAL A 73 9.19 -16.69 -8.17
CA VAL A 73 7.88 -16.81 -7.56
C VAL A 73 6.95 -15.71 -8.05
N LEU A 74 7.47 -14.49 -8.18
CA LEU A 74 6.61 -13.33 -8.48
C LEU A 74 6.36 -13.17 -9.98
N VAL A 75 7.35 -13.50 -10.81
CA VAL A 75 7.24 -13.32 -12.26
C VAL A 75 7.18 -14.66 -12.98
N LYS A 76 8.22 -15.49 -12.87
CA LYS A 76 8.37 -16.61 -13.80
C LYS A 76 7.25 -17.62 -13.62
N GLU A 77 6.89 -17.97 -12.39
CA GLU A 77 5.91 -19.02 -12.15
C GLU A 77 4.60 -18.46 -11.62
N CYS A 78 4.25 -17.24 -12.01
CA CYS A 78 3.11 -16.59 -11.38
C CYS A 78 1.81 -17.24 -11.83
N TYR A 79 1.53 -17.20 -13.14
CA TYR A 79 0.29 -17.77 -13.69
C TYR A 79 0.16 -19.25 -13.35
N SER A 80 1.26 -19.98 -13.37
CA SER A 80 1.22 -21.43 -13.27
C SER A 80 1.11 -21.94 -11.84
N VAL A 81 1.61 -21.19 -10.86
CA VAL A 81 1.72 -21.73 -9.51
C VAL A 81 1.32 -20.69 -8.50
N PHE A 82 2.03 -19.57 -8.51
CA PHE A 82 1.95 -18.57 -7.45
C PHE A 82 1.00 -17.45 -7.84
N THR A 83 -0.26 -17.81 -8.03
CA THR A 83 -1.24 -16.91 -8.63
C THR A 83 -2.00 -16.08 -7.61
N ASN A 84 -2.24 -16.64 -6.42
CA ASN A 84 -3.20 -16.03 -5.51
C ASN A 84 -2.53 -15.65 -4.20
N ARG A 85 -3.16 -14.74 -3.53
CA ARG A 85 -2.69 -14.40 -2.21
C ARG A 85 -3.33 -15.33 -1.17
N ARG A 86 -2.84 -15.21 0.04
CA ARG A 86 -3.44 -15.97 1.13
C ARG A 86 -4.89 -15.54 1.32
N PRO A 87 -5.84 -16.49 1.30
CA PRO A 87 -7.25 -16.12 1.53
C PRO A 87 -7.46 -15.64 2.95
N PHE A 88 -8.33 -14.64 3.09
CA PHE A 88 -8.80 -14.16 4.38
C PHE A 88 -10.29 -13.91 4.26
N GLY A 89 -10.96 -13.80 5.39
CA GLY A 89 -12.37 -13.55 5.34
C GLY A 89 -12.90 -13.17 6.70
N PRO A 90 -14.22 -13.12 6.83
CA PRO A 90 -15.15 -13.33 5.72
C PRO A 90 -15.31 -12.08 4.84
N VAL A 91 -15.48 -12.27 3.54
CA VAL A 91 -15.48 -11.14 2.62
C VAL A 91 -16.83 -10.87 2.01
N GLY A 92 -17.72 -11.86 1.95
CA GLY A 92 -19.00 -11.60 1.32
C GLY A 92 -18.80 -11.32 -0.16
N PHE A 93 -19.53 -10.32 -0.67
CA PHE A 93 -19.45 -9.98 -2.09
C PHE A 93 -18.09 -9.41 -2.49
N MET A 94 -17.28 -8.98 -1.52
CA MET A 94 -15.94 -8.49 -1.88
C MET A 94 -15.02 -9.60 -2.36
N LYS A 95 -15.49 -10.84 -2.40
CA LYS A 95 -14.75 -11.88 -3.09
C LYS A 95 -14.47 -11.50 -4.55
N SER A 96 -15.35 -10.70 -5.16
CA SER A 96 -15.20 -10.33 -6.56
C SER A 96 -14.23 -9.17 -6.78
N ALA A 97 -13.59 -8.67 -5.74
CA ALA A 97 -12.68 -7.54 -5.86
C ALA A 97 -11.34 -8.05 -6.34
N ILE A 98 -10.63 -7.19 -7.10
CA ILE A 98 -9.48 -7.70 -7.85
C ILE A 98 -8.41 -8.23 -6.92
N SER A 99 -8.12 -7.52 -5.83
CA SER A 99 -6.99 -7.93 -5.00
C SER A 99 -7.28 -9.22 -4.25
N ILE A 100 -8.56 -9.61 -4.16
CA ILE A 100 -9.01 -10.78 -3.41
C ILE A 100 -9.29 -11.94 -4.37
N ALA A 101 -9.65 -11.65 -5.60
CA ALA A 101 -10.07 -12.72 -6.49
C ALA A 101 -8.90 -13.62 -6.90
N GLU A 102 -9.25 -14.76 -7.45
CA GLU A 102 -8.31 -15.86 -7.64
C GLU A 102 -8.33 -16.38 -9.06
N ASP A 103 -7.17 -16.87 -9.48
CA ASP A 103 -6.96 -17.60 -10.73
C ASP A 103 -7.60 -16.91 -11.93
N GLU A 104 -8.47 -17.61 -12.66
CA GLU A 104 -8.97 -17.05 -13.91
C GLU A 104 -9.87 -15.85 -13.66
N GLU A 105 -10.56 -15.85 -12.53
CA GLU A 105 -11.42 -14.71 -12.24
C GLU A 105 -10.59 -13.47 -11.98
N TRP A 106 -9.45 -13.64 -11.32
CA TRP A 106 -8.58 -12.50 -11.11
C TRP A 106 -7.98 -12.03 -12.44
N LYS A 107 -7.46 -12.99 -13.20
CA LYS A 107 -6.88 -12.69 -14.51
C LYS A 107 -7.82 -11.89 -15.38
N ARG A 108 -9.09 -12.31 -15.40
CA ARG A 108 -10.13 -11.50 -16.04
C ARG A 108 -10.17 -10.09 -15.47
N LEU A 109 -10.40 -9.96 -14.18
CA LEU A 109 -10.54 -8.63 -13.58
C LEU A 109 -9.32 -7.77 -13.82
N ARG A 110 -8.13 -8.37 -13.75
CA ARG A 110 -6.90 -7.66 -14.06
C ARG A 110 -6.95 -7.05 -15.46
N SER A 111 -7.52 -7.81 -16.43
CA SER A 111 -7.61 -7.33 -17.82
C SER A 111 -8.63 -6.21 -17.95
N LEU A 112 -9.76 -6.32 -17.28
CA LEU A 112 -10.79 -5.31 -17.48
C LEU A 112 -10.42 -4.01 -16.80
N LEU A 113 -9.53 -4.05 -15.81
CA LEU A 113 -9.16 -2.83 -15.09
C LEU A 113 -7.81 -2.28 -15.47
N SER A 114 -6.94 -3.07 -16.08
CA SER A 114 -5.60 -2.59 -16.42
C SER A 114 -5.58 -1.33 -17.28
N PRO A 115 -6.38 -1.18 -18.35
CA PRO A 115 -6.28 0.06 -19.15
C PRO A 115 -6.71 1.29 -18.36
N THR A 116 -7.49 1.11 -17.29
CA THR A 116 -7.89 2.22 -16.45
C THR A 116 -6.69 2.89 -15.81
N PHE A 117 -5.60 2.15 -15.61
CA PHE A 117 -4.40 2.64 -14.96
C PHE A 117 -3.27 2.91 -15.95
N THR A 118 -3.56 3.26 -17.20
CA THR A 118 -2.47 3.55 -18.10
C THR A 118 -1.83 4.88 -17.73
N SER A 119 -0.68 5.15 -18.34
CA SER A 119 -0.11 6.49 -18.26
C SER A 119 -1.01 7.50 -18.96
N GLY A 120 -1.63 7.09 -20.07
CA GLY A 120 -2.46 8.01 -20.82
C GLY A 120 -3.69 8.45 -20.03
N LYS A 121 -4.35 7.49 -19.37
CA LYS A 121 -5.48 7.81 -18.50
C LYS A 121 -5.03 8.62 -17.29
N LEU A 122 -3.87 8.28 -16.72
CA LEU A 122 -3.36 9.02 -15.58
C LEU A 122 -3.08 10.47 -15.93
N LYS A 123 -2.63 10.73 -17.15
CA LYS A 123 -2.38 12.09 -17.57
C LYS A 123 -3.66 12.91 -17.61
N GLU A 124 -4.78 12.29 -17.96
CA GLU A 124 -6.02 13.04 -17.99
C GLU A 124 -6.62 13.24 -16.61
N MET A 125 -6.13 12.51 -15.61
CA MET A 125 -6.59 12.68 -14.23
C MET A 125 -5.85 13.78 -13.49
N VAL A 126 -4.77 14.31 -14.03
CA VAL A 126 -3.90 15.26 -13.33
C VAL A 126 -4.63 16.57 -13.03
N PRO A 127 -5.31 17.21 -13.98
CA PRO A 127 -6.05 18.43 -13.63
C PRO A 127 -7.00 18.25 -12.46
N ILE A 128 -7.76 17.16 -12.43
CA ILE A 128 -8.67 16.94 -11.32
C ILE A 128 -7.89 16.72 -10.02
N ILE A 129 -6.78 15.97 -10.10
CA ILE A 129 -5.94 15.77 -8.91
C ILE A 129 -5.23 17.06 -8.52
N ALA A 130 -5.03 17.97 -9.47
CA ALA A 130 -4.38 19.24 -9.16
C ALA A 130 -5.26 20.13 -8.29
N GLN A 131 -6.57 20.16 -8.59
CA GLN A 131 -7.48 21.12 -7.94
C GLN A 131 -7.48 20.96 -6.42
N TYR A 132 -7.47 19.73 -5.92
CA TYR A 132 -7.55 19.53 -4.47
C TYR A 132 -6.23 19.77 -3.76
N GLY A 133 -5.12 19.83 -4.51
CA GLY A 133 -3.89 20.34 -3.94
C GLY A 133 -4.04 21.75 -3.42
N ASP A 134 -4.82 22.58 -4.12
CA ASP A 134 -5.13 23.92 -3.65
C ASP A 134 -5.95 23.89 -2.37
N VAL A 135 -7.02 23.08 -2.35
CA VAL A 135 -7.79 22.87 -1.12
C VAL A 135 -6.85 22.50 0.02
N LEU A 136 -5.85 21.68 -0.29
CA LEU A 136 -4.90 21.26 0.74
C LEU A 136 -4.14 22.46 1.31
N VAL A 137 -3.71 23.37 0.45
CA VAL A 137 -2.91 24.51 0.91
C VAL A 137 -3.72 25.40 1.84
N ARG A 138 -4.92 25.79 1.41
CA ARG A 138 -5.75 26.70 2.20
C ARG A 138 -6.08 26.10 3.56
N ASN A 139 -6.47 24.82 3.59
CA ASN A 139 -6.72 24.16 4.88
C ASN A 139 -5.47 24.17 5.74
N LEU A 140 -4.31 24.01 5.13
CA LEU A 140 -3.05 24.08 5.86
C LEU A 140 -2.77 25.49 6.36
N ARG A 141 -3.00 26.50 5.50
CA ARG A 141 -2.73 27.87 5.92
C ARG A 141 -3.56 28.26 7.13
N ARG A 142 -4.82 27.85 7.17
CA ARG A 142 -5.66 28.19 8.32
C ARG A 142 -5.06 27.67 9.62
N GLU A 143 -4.23 26.63 9.53
CA GLU A 143 -3.51 26.16 10.69
C GLU A 143 -2.09 26.70 10.77
N ALA A 144 -1.51 27.15 9.65
CA ALA A 144 -0.19 27.73 9.70
C ALA A 144 -0.22 29.14 10.25
N GLU A 145 -1.24 29.92 9.87
CA GLU A 145 -1.43 31.25 10.41
C GLU A 145 -1.74 31.22 11.91
N THR A 146 -2.28 30.10 12.41
CA THR A 146 -2.52 29.90 13.83
C THR A 146 -1.42 28.99 14.35
N GLY A 147 -0.30 29.59 14.76
CA GLY A 147 0.91 28.88 15.13
C GLY A 147 0.75 27.70 16.06
N LYS A 148 -0.07 26.74 15.66
CA LYS A 148 -0.41 25.57 16.42
C LYS A 148 0.02 24.32 15.67
N PRO A 149 0.65 23.35 16.33
CA PRO A 149 1.06 22.10 15.65
C PRO A 149 -0.10 21.42 14.94
N VAL A 150 0.23 20.63 13.90
CA VAL A 150 -0.75 20.06 12.98
C VAL A 150 -0.60 18.54 12.90
N THR A 151 -1.74 17.86 12.78
CA THR A 151 -1.80 16.40 12.70
C THR A 151 -1.89 16.01 11.22
N LEU A 152 -0.76 15.57 10.67
CA LEU A 152 -0.65 15.41 9.22
C LEU A 152 -1.65 14.42 8.67
N LYS A 153 -1.88 13.31 9.38
CA LYS A 153 -2.78 12.30 8.85
C LYS A 153 -4.17 12.88 8.63
N ASP A 154 -4.62 13.76 9.52
CA ASP A 154 -5.91 14.43 9.29
C ASP A 154 -5.89 15.26 8.02
N VAL A 155 -4.90 16.15 7.90
CA VAL A 155 -4.93 17.03 6.74
C VAL A 155 -4.59 16.27 5.46
N PHE A 156 -3.61 15.35 5.52
CA PHE A 156 -3.35 14.52 4.34
C PHE A 156 -4.53 13.59 4.04
N GLY A 157 -5.15 13.02 5.08
CA GLY A 157 -6.32 12.20 4.85
C GLY A 157 -7.43 12.96 4.14
N ALA A 158 -7.74 14.17 4.63
CA ALA A 158 -8.70 15.03 3.96
C ALA A 158 -8.39 15.15 2.47
N TYR A 159 -7.13 15.35 2.12
CA TYR A 159 -6.76 15.48 0.70
C TYR A 159 -6.88 14.14 -0.02
N SER A 160 -6.35 13.07 0.59
CA SER A 160 -6.44 11.75 -0.03
C SER A 160 -7.89 11.35 -0.23
N MET A 161 -8.69 11.48 0.84
CA MET A 161 -10.14 11.38 0.73
C MET A 161 -10.67 12.19 -0.44
N ASP A 162 -10.25 13.46 -0.54
CA ASP A 162 -10.75 14.33 -1.59
C ASP A 162 -10.42 13.76 -2.97
N VAL A 163 -9.21 13.27 -3.17
CA VAL A 163 -8.81 12.78 -4.49
C VAL A 163 -9.60 11.51 -4.83
N ILE A 164 -9.83 10.66 -3.85
CA ILE A 164 -10.47 9.37 -4.14
C ILE A 164 -11.86 9.59 -4.70
N THR A 165 -12.72 10.26 -3.93
CA THR A 165 -14.10 10.50 -4.35
C THR A 165 -14.17 11.19 -5.71
N SER A 166 -13.17 12.01 -6.04
CA SER A 166 -13.19 12.69 -7.34
C SER A 166 -12.66 11.79 -8.44
N THR A 167 -11.51 11.16 -8.23
CA THR A 167 -10.90 10.34 -9.26
C THR A 167 -11.66 9.04 -9.50
N SER A 168 -12.50 8.63 -8.56
CA SER A 168 -13.23 7.38 -8.73
C SER A 168 -14.72 7.55 -8.99
N PHE A 169 -15.34 8.68 -8.61
CA PHE A 169 -16.79 8.86 -8.81
C PHE A 169 -17.24 10.24 -9.27
N GLY A 170 -16.38 11.26 -9.30
CA GLY A 170 -16.82 12.59 -9.63
C GLY A 170 -17.28 13.43 -8.45
N VAL A 171 -17.50 12.83 -7.28
CA VAL A 171 -17.94 13.57 -6.10
C VAL A 171 -16.83 14.53 -5.65
N ASN A 172 -17.23 15.73 -5.21
CA ASN A 172 -16.30 16.82 -4.96
C ASN A 172 -16.63 17.49 -3.63
N ILE A 173 -15.76 17.31 -2.64
CA ILE A 173 -15.99 17.78 -1.28
C ILE A 173 -14.68 18.31 -0.72
N ASP A 174 -14.79 19.19 0.26
CA ASP A 174 -13.68 19.51 1.15
C ASP A 174 -13.99 18.80 2.47
N SER A 175 -13.71 17.49 2.50
CA SER A 175 -14.18 16.66 3.60
C SER A 175 -13.67 17.16 4.94
N LEU A 176 -12.53 17.85 4.95
CA LEU A 176 -11.97 18.40 6.18
C LEU A 176 -12.93 19.32 6.91
N ASN A 177 -13.27 20.45 6.29
CA ASN A 177 -14.34 21.30 6.83
C ASN A 177 -15.63 20.88 6.15
N ASN A 178 -15.71 21.11 4.83
CA ASN A 178 -17.00 21.08 4.15
C ASN A 178 -17.72 19.76 4.42
N PRO A 179 -19.03 19.80 4.59
CA PRO A 179 -19.56 19.28 5.85
C PRO A 179 -19.76 17.79 5.99
N GLN A 180 -20.86 17.48 6.67
CA GLN A 180 -21.42 16.14 6.73
C GLN A 180 -22.06 15.82 5.38
N ASP A 181 -21.32 16.09 4.30
CA ASP A 181 -21.82 15.79 2.98
C ASP A 181 -22.04 14.28 2.87
N PRO A 182 -23.19 13.83 2.31
CA PRO A 182 -23.59 12.41 2.44
C PRO A 182 -22.51 11.39 2.13
N PHE A 183 -21.43 11.80 1.48
CA PHE A 183 -20.46 10.81 1.02
C PHE A 183 -19.31 10.60 2.00
N VAL A 184 -18.84 11.67 2.65
CA VAL A 184 -17.68 11.60 3.53
C VAL A 184 -17.88 10.53 4.61
N GLU A 185 -19.12 10.28 5.02
CA GLU A 185 -19.38 9.54 6.25
C GLU A 185 -19.41 8.03 6.08
N ASN A 186 -20.05 7.51 5.03
CA ASN A 186 -19.97 6.06 4.84
C ASN A 186 -18.54 5.63 4.53
N THR A 187 -17.78 6.52 3.90
CA THR A 187 -16.35 6.29 3.74
C THR A 187 -15.56 6.54 5.02
N LYS A 188 -16.18 7.08 6.08
CA LYS A 188 -15.49 7.18 7.35
C LYS A 188 -15.23 5.82 7.95
N LYS A 189 -16.23 4.93 7.92
CA LYS A 189 -16.02 3.54 8.28
C LYS A 189 -15.23 2.97 7.12
N LEU A 190 -13.98 3.40 7.01
CA LEU A 190 -13.21 3.43 5.78
C LEU A 190 -13.16 2.04 5.20
N PRO A 198 -8.03 -7.20 16.28
CA PRO A 198 -8.41 -8.22 17.29
C PRO A 198 -9.26 -9.32 16.69
N PHE A 199 -10.05 -8.97 15.68
CA PHE A 199 -10.80 -9.98 14.94
C PHE A 199 -9.90 -10.75 13.99
N PHE A 200 -8.94 -10.06 13.36
CA PHE A 200 -8.18 -10.66 12.27
C PHE A 200 -7.10 -11.58 12.78
N LEU A 201 -6.76 -11.48 14.07
CA LEU A 201 -5.84 -12.43 14.69
C LEU A 201 -6.54 -13.73 15.05
N SER A 202 -7.76 -13.65 15.59
CA SER A 202 -8.55 -14.86 15.83
C SER A 202 -8.74 -15.67 14.55
N ILE A 203 -8.67 -15.03 13.39
CA ILE A 203 -8.81 -15.76 12.14
C ILE A 203 -7.74 -16.82 12.02
N THR A 204 -6.51 -16.48 12.36
CA THR A 204 -5.36 -17.33 12.08
C THR A 204 -5.34 -18.59 12.95
N VAL A 205 -5.70 -18.48 14.22
CA VAL A 205 -5.80 -19.69 15.01
C VAL A 205 -7.05 -20.47 14.61
N PHE A 206 -8.04 -19.79 14.02
CA PHE A 206 -9.34 -20.40 13.74
C PHE A 206 -9.78 -20.18 12.29
N PRO A 207 -8.90 -20.39 11.30
CA PRO A 207 -9.27 -20.07 9.92
C PRO A 207 -10.36 -20.97 9.37
N PHE A 208 -10.67 -22.04 10.07
CA PHE A 208 -11.73 -22.94 9.74
C PHE A 208 -13.09 -22.37 10.07
N LEU A 209 -13.12 -21.14 10.57
CA LEU A 209 -14.33 -20.43 10.95
C LEU A 209 -14.73 -19.41 9.91
N ILE A 210 -13.86 -19.19 8.93
CA ILE A 210 -14.17 -18.31 7.81
C ILE A 210 -15.45 -18.81 7.12
N PRO A 211 -15.52 -20.05 6.63
CA PRO A 211 -16.76 -20.49 5.98
C PRO A 211 -17.95 -20.38 6.89
N ILE A 212 -17.71 -20.45 8.20
CA ILE A 212 -18.77 -20.21 9.16
C ILE A 212 -19.28 -18.80 9.03
N LEU A 213 -18.36 -17.84 9.01
CA LEU A 213 -18.79 -16.46 8.96
C LEU A 213 -19.32 -16.06 7.59
N GLU A 214 -19.08 -16.88 6.57
CA GLU A 214 -19.56 -16.60 5.22
C GLU A 214 -20.97 -17.10 5.04
N VAL A 215 -21.35 -18.14 5.76
CA VAL A 215 -22.75 -18.52 5.79
C VAL A 215 -23.52 -17.70 6.82
N LEU A 216 -22.84 -16.86 7.62
CA LEU A 216 -23.50 -15.94 8.55
C LEU A 216 -23.52 -14.51 8.03
N ASN A 217 -22.85 -14.22 6.92
CA ASN A 217 -22.90 -12.94 6.21
C ASN A 217 -22.39 -11.78 7.04
N ILE A 218 -21.68 -12.07 8.13
CA ILE A 218 -20.81 -11.06 8.71
C ILE A 218 -19.78 -10.68 7.66
N CYS A 219 -19.79 -9.42 7.25
CA CYS A 219 -18.79 -8.93 6.31
C CYS A 219 -17.76 -8.13 7.10
N VAL A 220 -16.47 -8.37 6.81
CA VAL A 220 -15.42 -7.53 7.38
C VAL A 220 -15.58 -6.10 6.88
N PHE A 221 -16.17 -5.95 5.70
CA PHE A 221 -16.63 -4.67 5.21
C PHE A 221 -17.95 -4.37 5.90
N PRO A 222 -17.98 -3.44 6.84
CA PRO A 222 -19.22 -3.13 7.55
C PRO A 222 -20.42 -3.12 6.61
N ARG A 223 -21.25 -4.16 6.73
CA ARG A 223 -22.30 -4.47 5.76
C ARG A 223 -23.13 -3.24 5.37
N GLU A 224 -23.14 -2.19 6.20
CA GLU A 224 -23.92 -1.01 5.91
C GLU A 224 -23.26 -0.12 4.87
N VAL A 225 -21.96 0.15 5.02
CA VAL A 225 -21.21 0.92 4.04
C VAL A 225 -21.40 0.32 2.65
N THR A 226 -21.15 -0.99 2.55
CA THR A 226 -21.34 -1.70 1.29
C THR A 226 -22.78 -1.53 0.78
N ASN A 227 -23.76 -1.53 1.69
CA ASN A 227 -25.13 -1.26 1.26
C ASN A 227 -25.30 0.17 0.79
N PHE A 228 -24.54 1.12 1.37
CA PHE A 228 -24.65 2.51 0.97
C PHE A 228 -24.15 2.72 -0.45
N LEU A 229 -23.00 2.14 -0.79
CA LEU A 229 -22.37 2.44 -2.07
C LEU A 229 -22.98 1.61 -3.21
N ARG A 230 -23.40 0.37 -2.92
CA ARG A 230 -24.09 -0.44 -3.92
C ARG A 230 -25.24 0.35 -4.52
N LYS A 231 -26.06 0.96 -3.67
CA LYS A 231 -27.10 1.84 -4.17
C LYS A 231 -26.51 3.15 -4.68
N SER A 232 -25.50 3.70 -3.97
CA SER A 232 -24.90 4.96 -4.40
C SER A 232 -24.36 4.86 -5.81
N VAL A 233 -23.66 3.76 -6.12
CA VAL A 233 -23.12 3.58 -7.46
C VAL A 233 -24.25 3.56 -8.48
N LYS A 234 -25.30 2.78 -8.20
CA LYS A 234 -26.39 2.64 -9.16
C LYS A 234 -27.23 3.90 -9.27
N ARG A 235 -27.13 4.83 -8.31
CA ARG A 235 -27.63 6.18 -8.55
C ARG A 235 -26.78 6.88 -9.60
N MET A 236 -25.46 6.87 -9.42
CA MET A 236 -24.55 7.49 -10.37
C MET A 236 -24.64 6.81 -11.74
N LYS A 237 -24.67 5.48 -11.75
CA LYS A 237 -24.73 4.73 -13.01
C LYS A 237 -25.88 5.19 -13.88
N GLU A 238 -27.07 5.26 -13.28
CA GLU A 238 -28.27 5.60 -14.02
C GLU A 238 -28.51 7.11 -14.14
N SER A 239 -27.63 7.94 -13.59
CA SER A 239 -27.74 9.38 -13.81
C SER A 239 -26.98 9.81 -15.06
N ARG A 240 -25.72 9.39 -15.19
CA ARG A 240 -24.98 9.63 -16.43
C ARG A 240 -25.63 8.90 -17.60
N LEU A 241 -26.11 7.69 -17.37
CA LEU A 241 -26.68 6.83 -18.40
C LEU A 241 -28.20 6.94 -18.40
N VAL A 249 -14.46 10.84 -17.03
CA VAL A 249 -13.03 11.07 -16.82
C VAL A 249 -12.42 10.22 -15.66
N ASP A 250 -13.25 9.64 -14.81
CA ASP A 250 -12.83 9.00 -13.56
C ASP A 250 -12.96 7.47 -13.62
N PHE A 251 -12.56 6.81 -12.52
CA PHE A 251 -12.46 5.35 -12.48
C PHE A 251 -13.80 4.67 -12.73
N LEU A 252 -14.86 5.18 -12.12
CA LEU A 252 -16.20 4.64 -12.35
C LEU A 252 -16.54 4.69 -13.84
N GLN A 253 -16.36 5.86 -14.47
CA GLN A 253 -16.64 5.99 -15.89
C GLN A 253 -15.74 5.07 -16.69
N LEU A 254 -14.44 5.07 -16.39
CA LEU A 254 -13.50 4.23 -17.11
C LEU A 254 -13.90 2.75 -17.03
N MET A 255 -14.56 2.35 -15.94
CA MET A 255 -15.07 0.99 -15.75
C MET A 255 -16.44 0.80 -16.38
N ILE A 256 -17.33 1.81 -16.31
CA ILE A 256 -18.61 1.71 -17.01
C ILE A 256 -18.38 1.65 -18.52
N ASP A 257 -17.48 2.50 -19.04
CA ASP A 257 -17.16 2.47 -20.46
C ASP A 257 -16.61 1.12 -20.87
N SER A 258 -16.00 0.38 -19.93
CA SER A 258 -15.41 -0.91 -20.25
C SER A 258 -16.49 -1.98 -20.45
N GLN A 259 -17.57 -1.91 -19.67
CA GLN A 259 -18.64 -2.90 -19.80
C GLN A 259 -19.58 -2.62 -20.97
N ASN A 260 -19.22 -1.67 -21.84
CA ASN A 260 -19.96 -1.41 -23.07
C ASN A 260 -19.27 -2.08 -24.24
N SER A 266 -13.62 -10.59 -25.46
CA SER A 266 -13.02 -11.87 -25.08
C SER A 266 -13.23 -12.23 -23.58
N HIS A 267 -13.59 -11.25 -22.76
CA HIS A 267 -14.02 -11.46 -21.37
C HIS A 267 -15.44 -10.96 -21.19
N LYS A 268 -16.25 -11.69 -20.42
CA LYS A 268 -17.57 -11.18 -20.03
C LYS A 268 -17.43 -9.84 -19.30
N ALA A 269 -18.26 -8.87 -19.69
CA ALA A 269 -18.10 -7.49 -19.21
C ALA A 269 -18.29 -7.41 -17.69
N LEU A 270 -17.83 -6.29 -17.12
CA LEU A 270 -17.94 -6.11 -15.67
C LEU A 270 -19.40 -6.01 -15.23
N SER A 271 -19.82 -6.93 -14.37
CA SER A 271 -21.12 -6.86 -13.74
C SER A 271 -21.24 -5.59 -12.90
N ASP A 272 -22.46 -5.34 -12.43
CA ASP A 272 -22.74 -4.12 -11.70
C ASP A 272 -22.24 -4.20 -10.24
N LEU A 273 -22.34 -5.38 -9.63
CA LEU A 273 -21.79 -5.51 -8.28
C LEU A 273 -20.28 -5.59 -8.31
N GLU A 274 -19.72 -6.23 -9.34
CA GLU A 274 -18.27 -6.33 -9.45
C GLU A 274 -17.64 -4.95 -9.49
N LEU A 275 -18.19 -4.07 -10.33
CA LEU A 275 -17.75 -2.69 -10.42
C LEU A 275 -17.68 -2.02 -9.05
N VAL A 276 -18.73 -2.20 -8.24
CA VAL A 276 -18.80 -1.62 -6.90
C VAL A 276 -17.63 -2.13 -6.06
N ALA A 277 -17.39 -3.44 -6.13
CA ALA A 277 -16.37 -4.04 -5.31
C ALA A 277 -14.99 -3.49 -5.67
N GLN A 278 -14.73 -3.23 -6.94
CA GLN A 278 -13.46 -2.59 -7.29
C GLN A 278 -13.40 -1.18 -6.75
N SER A 279 -14.49 -0.41 -6.88
CA SER A 279 -14.53 0.94 -6.32
C SER A 279 -14.06 0.94 -4.89
N ILE A 280 -14.64 0.03 -4.10
CA ILE A 280 -14.26 -0.14 -2.70
C ILE A 280 -12.78 -0.43 -2.57
N ILE A 281 -12.26 -1.39 -3.33
CA ILE A 281 -10.81 -1.66 -3.25
C ILE A 281 -10.02 -0.38 -3.54
N PHE A 282 -10.47 0.43 -4.50
CA PHE A 282 -9.66 1.60 -4.85
C PHE A 282 -9.71 2.63 -3.75
N ILE A 283 -10.88 2.79 -3.14
CA ILE A 283 -11.01 3.72 -2.02
C ILE A 283 -10.08 3.31 -0.89
N PHE A 284 -10.17 2.04 -0.46
CA PHE A 284 -9.23 1.52 0.53
C PHE A 284 -7.80 1.77 0.11
N ALA A 285 -7.40 1.15 -1.00
CA ALA A 285 -6.04 1.29 -1.51
C ALA A 285 -5.53 2.72 -1.36
N GLY A 286 -6.23 3.68 -1.94
CA GLY A 286 -5.69 5.02 -2.07
C GLY A 286 -5.93 5.96 -0.93
N TYR A 287 -6.55 5.50 0.15
CA TYR A 287 -6.85 6.38 1.25
C TYR A 287 -5.75 6.29 2.29
N GLU A 288 -5.69 5.19 3.04
CA GLU A 288 -4.70 5.16 4.10
C GLU A 288 -3.29 4.92 3.57
N THR A 289 -3.12 4.41 2.35
CA THR A 289 -1.76 4.34 1.79
C THR A 289 -1.22 5.72 1.49
N THR A 290 -1.91 6.45 0.59
CA THR A 290 -1.48 7.78 0.18
C THR A 290 -1.26 8.67 1.40
N SER A 291 -2.22 8.67 2.31
CA SER A 291 -2.12 9.51 3.51
C SER A 291 -0.95 9.10 4.39
N SER A 292 -0.76 7.79 4.62
CA SER A 292 0.30 7.36 5.52
C SER A 292 1.67 7.59 4.90
N VAL A 293 1.81 7.36 3.60
CA VAL A 293 3.11 7.58 2.98
C VAL A 293 3.48 9.06 3.00
N LEU A 294 2.51 9.93 2.76
CA LEU A 294 2.74 11.36 2.88
C LEU A 294 3.22 11.71 4.28
N SER A 295 2.62 11.11 5.29
CA SER A 295 2.99 11.43 6.66
C SER A 295 4.38 10.92 6.97
N PHE A 296 4.74 9.77 6.42
CA PHE A 296 6.11 9.27 6.54
C PHE A 296 7.09 10.20 5.83
N ILE A 297 6.73 10.69 4.65
CA ILE A 297 7.63 11.57 3.89
C ILE A 297 7.80 12.89 4.63
N MET A 298 6.70 13.48 5.08
CA MET A 298 6.85 14.76 5.77
C MET A 298 7.65 14.63 7.06
N TYR A 299 7.51 13.50 7.77
CA TYR A 299 8.33 13.25 8.94
C TYR A 299 9.82 13.25 8.58
N GLU A 300 10.19 12.61 7.46
CA GLU A 300 11.60 12.58 7.05
C GLU A 300 12.08 13.95 6.63
N LEU A 301 11.25 14.67 5.88
CA LEU A 301 11.62 16.01 5.44
C LEU A 301 11.74 16.98 6.62
N ALA A 302 10.92 16.81 7.66
CA ALA A 302 11.05 17.68 8.84
C ALA A 302 12.30 17.36 9.63
N THR A 303 12.62 16.06 9.79
CA THR A 303 13.80 15.62 10.53
C THR A 303 15.04 15.51 9.63
N HIS A 304 14.98 16.02 8.40
CA HIS A 304 16.18 16.19 7.56
C HIS A 304 16.03 17.49 6.79
N PRO A 305 16.17 18.63 7.48
CA PRO A 305 15.90 19.94 6.84
C PRO A 305 16.66 20.22 5.55
N ASP A 306 17.85 19.63 5.37
CA ASP A 306 18.62 19.83 4.14
C ASP A 306 17.94 19.17 2.94
N VAL A 307 17.35 18.00 3.14
CA VAL A 307 16.63 17.33 2.05
C VAL A 307 15.42 18.17 1.66
N GLN A 308 14.64 18.59 2.67
CA GLN A 308 13.50 19.47 2.46
C GLN A 308 13.90 20.71 1.64
N GLN A 309 15.00 21.37 2.01
CA GLN A 309 15.41 22.56 1.25
C GLN A 309 15.85 22.19 -0.16
N LYS A 310 16.68 21.16 -0.31
CA LYS A 310 17.08 20.72 -1.64
C LYS A 310 15.86 20.42 -2.50
N LEU A 311 14.85 19.74 -1.94
CA LEU A 311 13.64 19.46 -2.71
C LEU A 311 12.92 20.75 -3.09
N GLN A 312 12.84 21.71 -2.15
CA GLN A 312 12.14 22.95 -2.43
C GLN A 312 12.78 23.72 -3.58
N GLU A 313 14.13 23.78 -3.58
CA GLU A 313 14.87 24.40 -4.70
C GLU A 313 14.56 23.73 -6.03
N GLU A 314 14.58 22.39 -6.07
CA GLU A 314 14.32 21.69 -7.31
C GLU A 314 12.94 22.02 -7.84
N ILE A 315 11.96 22.10 -6.95
CA ILE A 315 10.59 22.44 -7.36
C ILE A 315 10.52 23.86 -7.90
N ASP A 316 11.24 24.80 -7.26
CA ASP A 316 11.23 26.17 -7.76
C ASP A 316 11.96 26.29 -9.09
N ALA A 317 13.00 25.47 -9.32
CA ALA A 317 13.71 25.49 -10.59
C ALA A 317 12.83 24.99 -11.73
N VAL A 318 12.04 23.95 -11.48
CA VAL A 318 11.19 23.37 -12.52
C VAL A 318 9.91 24.18 -12.65
N LEU A 319 9.33 24.61 -11.53
CA LEU A 319 8.10 25.40 -11.52
C LEU A 319 8.39 26.74 -10.87
N PRO A 320 8.99 27.68 -11.61
CA PRO A 320 9.24 29.01 -11.04
C PRO A 320 7.94 29.75 -10.76
N ASN A 321 7.99 30.60 -9.73
CA ASN A 321 6.86 31.41 -9.26
C ASN A 321 5.70 30.55 -8.76
N LYS A 322 6.00 29.42 -8.14
CA LYS A 322 4.97 28.46 -7.76
C LYS A 322 4.08 28.11 -8.94
N ALA A 323 4.70 27.95 -10.11
CA ALA A 323 3.96 27.51 -11.29
C ALA A 323 3.27 26.18 -11.00
N PRO A 324 2.05 25.98 -11.50
CA PRO A 324 1.30 24.77 -11.16
C PRO A 324 1.93 23.55 -11.81
N PRO A 325 2.12 22.47 -11.04
CA PRO A 325 2.74 21.25 -11.60
C PRO A 325 1.82 20.56 -12.60
N THR A 326 2.45 19.97 -13.59
CA THR A 326 1.77 19.18 -14.60
C THR A 326 2.32 17.77 -14.56
N TYR A 327 1.61 16.88 -15.27
CA TYR A 327 2.10 15.52 -15.46
C TYR A 327 3.57 15.54 -15.87
N ASP A 328 3.90 16.27 -16.93
CA ASP A 328 5.26 16.22 -17.47
C ASP A 328 6.29 16.79 -16.50
N THR A 329 5.96 17.92 -15.85
CA THR A 329 6.91 18.50 -14.90
C THR A 329 7.10 17.61 -13.68
N VAL A 330 6.06 16.88 -13.24
CA VAL A 330 6.25 15.95 -12.13
C VAL A 330 7.24 14.86 -12.49
N LEU A 331 7.11 14.28 -13.71
CA LEU A 331 8.04 13.23 -14.10
C LEU A 331 9.45 13.77 -14.27
N GLN A 332 9.59 15.09 -14.33
CA GLN A 332 10.88 15.71 -14.55
C GLN A 332 11.71 15.79 -13.27
N MET A 333 11.09 15.58 -12.11
CA MET A 333 11.72 15.92 -10.82
C MET A 333 12.42 14.70 -10.24
N GLU A 334 13.75 14.65 -10.37
CA GLU A 334 14.46 13.43 -10.02
C GLU A 334 14.72 13.31 -8.51
N TYR A 335 15.00 14.43 -7.85
CA TYR A 335 15.16 14.42 -6.39
C TYR A 335 13.84 14.14 -5.69
N LEU A 336 12.75 14.69 -6.22
CA LEU A 336 11.44 14.31 -5.72
C LEU A 336 11.26 12.79 -5.74
N ASP A 337 11.66 12.17 -6.85
CA ASP A 337 11.50 10.72 -6.98
C ASP A 337 12.34 9.99 -5.95
N MET A 338 13.58 10.46 -5.75
CA MET A 338 14.49 9.86 -4.78
C MET A 338 13.92 9.94 -3.37
N VAL A 339 13.38 11.11 -2.99
CA VAL A 339 12.82 11.27 -1.66
C VAL A 339 11.68 10.29 -1.47
N VAL A 340 10.85 10.14 -2.51
CA VAL A 340 9.71 9.23 -2.44
C VAL A 340 10.18 7.79 -2.33
N ASN A 341 11.12 7.40 -3.20
CA ASN A 341 11.59 6.03 -3.19
C ASN A 341 12.29 5.68 -1.88
N GLU A 342 13.16 6.56 -1.39
CA GLU A 342 13.84 6.20 -0.16
C GLU A 342 12.86 6.12 1.00
N THR A 343 11.81 6.95 1.00
CA THR A 343 10.82 6.80 2.05
C THR A 343 10.18 5.42 1.98
N LEU A 344 9.85 4.98 0.76
CA LEU A 344 9.18 3.68 0.58
C LEU A 344 10.10 2.52 0.93
N ARG A 345 11.42 2.72 0.78
CA ARG A 345 12.36 1.74 1.31
C ARG A 345 12.17 1.58 2.82
N LEU A 346 12.19 2.68 3.54
CA LEU A 346 12.06 2.63 4.98
C LEU A 346 10.68 2.20 5.44
N PHE A 347 9.63 2.54 4.70
CA PHE A 347 8.27 2.27 5.14
C PHE A 347 7.49 1.62 4.01
N PRO A 348 7.84 0.41 3.64
CA PRO A 348 7.06 -0.29 2.60
C PRO A 348 5.75 -0.77 3.17
N ILE A 349 4.64 -0.10 2.85
CA ILE A 349 3.46 -0.28 3.68
C ILE A 349 2.79 -1.63 3.51
N ALA A 350 3.21 -2.45 2.54
CA ALA A 350 2.72 -3.83 2.46
C ALA A 350 3.43 -4.76 3.44
N MET A 351 4.67 -4.43 3.80
CA MET A 351 5.48 -5.15 4.79
C MET A 351 5.95 -6.49 4.22
N ARG A 352 5.02 -7.25 3.67
CA ARG A 352 5.27 -8.56 3.12
C ARG A 352 4.49 -8.70 1.83
N LEU A 353 5.05 -9.46 0.90
CA LEU A 353 4.38 -9.99 -0.26
C LEU A 353 4.19 -11.50 -0.07
N GLU A 354 3.12 -12.04 -0.62
CA GLU A 354 2.72 -13.40 -0.33
C GLU A 354 2.03 -14.01 -1.55
N ARG A 355 2.25 -15.32 -1.75
CA ARG A 355 1.61 -16.08 -2.81
C ARG A 355 1.37 -17.46 -2.27
N VAL A 356 0.19 -18.01 -2.56
CA VAL A 356 -0.13 -19.37 -2.17
C VAL A 356 0.43 -20.32 -3.24
N CYS A 357 1.08 -21.39 -2.79
CA CYS A 357 1.65 -22.37 -3.71
C CYS A 357 0.56 -23.34 -4.13
N LYS A 358 0.19 -23.33 -5.40
CA LYS A 358 -0.98 -24.13 -5.75
C LYS A 358 -0.64 -25.53 -6.26
N LYS A 359 0.62 -25.85 -6.51
CA LYS A 359 1.06 -27.16 -6.99
C LYS A 359 2.39 -27.53 -6.35
N ASP A 360 2.65 -28.82 -6.18
CA ASP A 360 4.03 -29.25 -5.94
C ASP A 360 4.93 -28.65 -7.00
N VAL A 361 5.96 -27.91 -6.59
CA VAL A 361 6.91 -27.31 -7.52
CA VAL A 361 6.90 -27.27 -7.51
C VAL A 361 8.31 -27.31 -6.93
N GLU A 362 9.28 -27.06 -7.79
CA GLU A 362 10.67 -26.84 -7.46
C GLU A 362 11.07 -25.51 -8.10
N ILE A 363 11.69 -24.62 -7.32
CA ILE A 363 12.17 -23.34 -7.83
C ILE A 363 13.60 -23.16 -7.34
N ASN A 364 14.53 -22.96 -8.28
CA ASN A 364 15.93 -22.68 -7.94
C ASN A 364 16.48 -23.73 -6.99
N GLY A 365 16.26 -25.00 -7.33
CA GLY A 365 16.78 -26.11 -6.55
C GLY A 365 16.21 -26.26 -5.14
N MET A 366 14.89 -26.06 -4.99
CA MET A 366 14.24 -26.20 -3.67
C MET A 366 12.80 -26.65 -3.85
N PHE A 367 12.47 -27.82 -3.32
CA PHE A 367 11.09 -28.31 -3.35
C PHE A 367 10.17 -27.43 -2.52
N ILE A 368 8.95 -27.23 -3.02
CA ILE A 368 7.91 -26.49 -2.32
C ILE A 368 6.59 -27.25 -2.45
N PRO A 369 6.06 -27.81 -1.37
CA PRO A 369 4.83 -28.59 -1.45
C PRO A 369 3.61 -27.68 -1.57
N LYS A 370 2.57 -28.24 -2.19
CA LYS A 370 1.30 -27.55 -2.38
C LYS A 370 0.75 -27.04 -1.06
N GLY A 371 0.09 -25.88 -1.10
CA GLY A 371 -0.58 -25.33 0.07
C GLY A 371 0.30 -24.48 0.96
N VAL A 372 1.61 -24.50 0.78
CA VAL A 372 2.52 -23.64 1.52
C VAL A 372 2.30 -22.20 1.06
N VAL A 373 2.36 -21.26 1.99
CA VAL A 373 2.36 -19.84 1.66
C VAL A 373 3.81 -19.38 1.55
N VAL A 374 4.15 -18.83 0.39
CA VAL A 374 5.47 -18.26 0.15
C VAL A 374 5.38 -16.77 0.41
N MET A 375 6.32 -16.28 1.19
CA MET A 375 6.24 -14.92 1.70
CA MET A 375 6.25 -14.92 1.73
C MET A 375 7.55 -14.18 1.38
N ILE A 376 7.42 -12.98 0.85
CA ILE A 376 8.63 -12.18 0.67
C ILE A 376 8.59 -11.06 1.69
N PRO A 377 9.53 -11.02 2.62
CA PRO A 377 9.57 -10.05 3.75
C PRO A 377 10.19 -8.71 3.37
N SER A 378 9.39 -7.91 2.65
CA SER A 378 9.90 -6.66 2.09
C SER A 378 10.48 -5.77 3.17
N TYR A 379 9.76 -5.56 4.28
CA TYR A 379 10.31 -4.72 5.33
C TYR A 379 11.71 -5.15 5.67
N ALA A 380 11.90 -6.48 5.82
CA ALA A 380 13.18 -6.97 6.30
C ALA A 380 14.23 -6.80 5.21
N LEU A 381 13.85 -7.03 3.95
CA LEU A 381 14.77 -6.87 2.83
C LEU A 381 15.15 -5.41 2.63
N HIS A 382 14.19 -4.50 2.82
CA HIS A 382 14.51 -3.07 2.69
C HIS A 382 15.48 -2.55 3.76
N ARG A 383 15.60 -3.23 4.91
CA ARG A 383 16.40 -2.76 6.02
C ARG A 383 17.52 -3.75 6.36
N ASP A 384 17.86 -4.61 5.40
CA ASP A 384 18.91 -5.60 5.54
C ASP A 384 20.28 -4.95 5.31
N PRO A 385 21.17 -4.91 6.31
CA PRO A 385 22.52 -4.33 6.09
C PRO A 385 23.32 -5.00 4.98
N LYS A 386 23.06 -6.26 4.66
CA LYS A 386 23.80 -6.97 3.61
C LYS A 386 23.56 -6.42 2.20
N TYR A 387 22.55 -5.56 2.01
CA TYR A 387 22.33 -4.85 0.74
C TYR A 387 22.36 -3.36 0.90
N TRP A 388 22.20 -2.85 2.12
CA TRP A 388 22.00 -1.44 2.37
C TRP A 388 23.00 -1.00 3.41
N THR A 389 23.79 0.01 3.08
CA THR A 389 24.64 0.66 4.05
C THR A 389 23.79 1.60 4.90
N GLU A 390 24.01 1.56 6.22
CA GLU A 390 23.25 2.36 7.17
C GLU A 390 21.75 2.29 6.90
N PRO A 391 21.16 1.08 6.88
CA PRO A 391 19.80 0.93 6.35
C PRO A 391 18.79 1.77 7.11
N GLU A 392 19.08 2.09 8.37
CA GLU A 392 18.14 2.88 9.15
C GLU A 392 18.20 4.36 8.84
N LYS A 393 19.28 4.83 8.22
CA LYS A 393 19.37 6.23 7.86
C LYS A 393 18.51 6.51 6.63
N PHE A 394 17.93 7.69 6.61
CA PHE A 394 17.13 8.15 5.49
C PHE A 394 18.07 8.92 4.57
N LEU A 395 18.49 8.29 3.48
CA LEU A 395 19.56 8.81 2.62
C LEU A 395 19.08 8.75 1.18
N PRO A 396 18.47 9.82 0.69
CA PRO A 396 17.88 9.78 -0.66
C PRO A 396 18.89 9.45 -1.76
N GLU A 397 20.16 9.76 -1.56
CA GLU A 397 21.16 9.55 -2.59
C GLU A 397 21.28 8.08 -3.01
N ARG A 398 20.86 7.13 -2.16
CA ARG A 398 20.88 5.75 -2.62
C ARG A 398 20.12 5.59 -3.93
N PHE A 399 19.24 6.53 -4.26
CA PHE A 399 18.45 6.52 -5.47
C PHE A 399 18.90 7.56 -6.49
N SER A 400 20.10 8.11 -6.34
CA SER A 400 20.69 8.90 -7.41
C SER A 400 20.80 8.06 -8.68
N LYS A 401 20.52 8.70 -9.82
CA LYS A 401 20.70 8.08 -11.12
C LYS A 401 22.07 7.43 -11.22
N LYS A 402 23.06 7.96 -10.48
CA LYS A 402 24.32 7.27 -10.29
C LYS A 402 24.13 5.93 -9.61
N ASN A 403 23.44 5.92 -8.46
CA ASN A 403 23.40 4.73 -7.61
C ASN A 403 22.21 3.85 -7.87
N LYS A 404 21.12 4.40 -8.41
CA LYS A 404 19.86 3.67 -8.58
C LYS A 404 20.04 2.36 -9.36
N ASP A 405 21.12 2.23 -10.14
CA ASP A 405 21.34 1.05 -10.99
C ASP A 405 21.84 -0.17 -10.21
N ASN A 406 22.48 0.04 -9.07
CA ASN A 406 22.98 -1.02 -8.19
C ASN A 406 21.89 -1.67 -7.32
N ILE A 407 20.63 -1.26 -7.45
CA ILE A 407 19.56 -1.70 -6.57
C ILE A 407 18.80 -2.84 -7.23
N ASP A 408 18.83 -4.00 -6.61
CA ASP A 408 18.16 -5.18 -7.12
C ASP A 408 16.65 -4.99 -7.05
N PRO A 409 15.93 -4.99 -8.18
CA PRO A 409 14.47 -4.78 -8.15
C PRO A 409 13.69 -5.87 -7.42
N TYR A 410 14.34 -6.98 -7.08
CA TYR A 410 13.71 -8.03 -6.31
C TYR A 410 14.11 -8.00 -4.86
N ILE A 411 14.85 -6.97 -4.45
CA ILE A 411 15.05 -6.64 -3.05
C ILE A 411 14.21 -5.44 -2.64
N TYR A 412 14.35 -4.33 -3.38
CA TYR A 412 13.49 -3.15 -3.23
C TYR A 412 12.20 -3.37 -4.02
N THR A 413 11.10 -3.66 -3.33
CA THR A 413 9.85 -4.06 -3.99
C THR A 413 8.65 -3.39 -3.31
N PRO A 414 8.64 -2.06 -3.22
CA PRO A 414 7.53 -1.40 -2.49
C PRO A 414 6.18 -1.58 -3.16
N PHE A 415 6.13 -1.94 -4.44
CA PHE A 415 4.88 -2.19 -5.14
C PHE A 415 4.78 -3.63 -5.66
N GLY A 416 5.60 -4.53 -5.14
CA GLY A 416 5.54 -5.89 -5.64
C GLY A 416 6.29 -6.00 -6.96
N SER A 417 6.04 -7.10 -7.67
CA SER A 417 6.52 -7.31 -9.03
C SER A 417 5.73 -8.44 -9.67
N GLY A 418 5.80 -8.51 -10.99
CA GLY A 418 5.10 -9.51 -11.78
C GLY A 418 3.65 -9.18 -12.05
N PRO A 419 2.94 -10.10 -12.71
CA PRO A 419 1.55 -9.83 -13.12
C PRO A 419 0.61 -9.35 -12.01
N ARG A 420 1.00 -9.60 -10.76
CA ARG A 420 0.14 -9.29 -9.63
C ARG A 420 0.70 -8.19 -8.73
N ASN A 421 1.47 -7.27 -9.31
CA ASN A 421 1.99 -6.13 -8.56
C ASN A 421 0.90 -5.07 -8.38
N CYS A 422 1.26 -4.00 -7.67
CA CYS A 422 0.34 -2.90 -7.43
C CYS A 422 -0.10 -2.27 -8.75
N ILE A 423 -1.38 -2.45 -9.06
CA ILE A 423 -1.95 -1.86 -10.27
C ILE A 423 -2.03 -0.35 -10.14
N GLY A 424 -2.12 0.16 -8.92
CA GLY A 424 -2.25 1.59 -8.73
C GLY A 424 -0.93 2.33 -8.64
N MET A 425 0.19 1.66 -8.95
CA MET A 425 1.50 2.21 -8.61
C MET A 425 1.72 3.60 -9.22
N ARG A 426 1.50 3.75 -10.53
CA ARG A 426 1.81 5.05 -11.12
C ARG A 426 0.82 6.11 -10.67
N PHE A 427 -0.46 5.75 -10.51
CA PHE A 427 -1.41 6.72 -9.95
C PHE A 427 -0.95 7.19 -8.58
N ALA A 428 -0.53 6.27 -7.73
CA ALA A 428 -0.18 6.61 -6.35
C ALA A 428 1.08 7.47 -6.30
N LEU A 429 2.10 7.13 -7.09
CA LEU A 429 3.29 8.00 -7.17
C LEU A 429 2.93 9.39 -7.66
N MET A 430 2.10 9.47 -8.70
CA MET A 430 1.71 10.78 -9.21
C MET A 430 0.91 11.54 -8.18
N ASN A 431 -0.07 10.87 -7.59
CA ASN A 431 -0.96 11.51 -6.64
C ASN A 431 -0.18 12.08 -5.46
N MET A 432 0.75 11.30 -4.91
CA MET A 432 1.53 11.77 -3.77
C MET A 432 2.45 12.92 -4.16
N LYS A 433 3.08 12.82 -5.33
CA LYS A 433 4.04 13.84 -5.75
C LYS A 433 3.35 15.17 -6.01
N LEU A 434 2.19 15.15 -6.66
CA LEU A 434 1.47 16.39 -6.88
C LEU A 434 1.14 17.07 -5.57
N ALA A 435 0.82 16.25 -4.55
CA ALA A 435 0.61 16.79 -3.22
C ALA A 435 1.87 17.45 -2.68
N LEU A 436 2.97 16.69 -2.64
CA LEU A 436 4.21 17.22 -2.08
C LEU A 436 4.63 18.50 -2.78
N ILE A 437 4.65 18.48 -4.12
CA ILE A 437 5.08 19.66 -4.86
C ILE A 437 4.32 20.89 -4.39
N ARG A 438 2.98 20.83 -4.49
CA ARG A 438 2.15 21.98 -4.13
C ARG A 438 2.38 22.39 -2.68
N VAL A 439 2.56 21.43 -1.79
CA VAL A 439 2.76 21.74 -0.37
C VAL A 439 4.14 22.34 -0.12
N LEU A 440 5.19 21.77 -0.75
CA LEU A 440 6.55 22.27 -0.51
C LEU A 440 6.79 23.62 -1.18
N GLN A 441 6.04 23.95 -2.24
CA GLN A 441 6.10 25.31 -2.76
C GLN A 441 5.65 26.34 -1.73
N ASN A 442 4.81 25.97 -0.76
CA ASN A 442 4.14 26.96 0.08
C ASN A 442 4.51 26.94 1.56
N PHE A 443 5.04 25.84 2.08
CA PHE A 443 5.28 25.74 3.51
C PHE A 443 6.63 25.09 3.78
N SER A 444 7.20 25.41 4.93
CA SER A 444 8.29 24.61 5.45
C SER A 444 7.80 23.91 6.71
N PHE A 445 8.47 22.81 7.03
CA PHE A 445 7.98 21.84 8.00
C PHE A 445 9.03 21.61 9.07
N LYS A 446 8.66 21.90 10.32
CA LYS A 446 9.61 21.89 11.40
C LYS A 446 9.13 20.94 12.48
N PRO A 447 10.05 20.30 13.18
CA PRO A 447 9.65 19.46 14.31
C PRO A 447 9.14 20.31 15.46
N CYS A 448 8.07 19.83 16.09
CA CYS A 448 7.55 20.36 17.34
C CYS A 448 8.11 19.55 18.52
N LYS A 449 8.00 20.14 19.71
CA LYS A 449 8.39 19.40 20.90
C LYS A 449 7.57 18.13 21.06
N GLU A 450 6.36 18.07 20.50
CA GLU A 450 5.51 16.90 20.60
C GLU A 450 5.69 15.92 19.44
N THR A 451 6.65 16.16 18.54
CA THR A 451 6.95 15.18 17.49
C THR A 451 7.64 13.97 18.08
N GLN A 452 7.22 12.78 17.67
CA GLN A 452 7.91 11.55 18.09
C GLN A 452 9.19 11.40 17.26
N ILE A 453 10.33 11.55 17.92
CA ILE A 453 11.67 11.47 17.34
C ILE A 453 12.52 10.60 18.26
N PRO A 454 12.90 9.38 17.85
CA PRO A 454 12.58 8.82 16.55
C PRO A 454 11.19 8.19 16.49
N LEU A 455 10.53 8.38 15.35
CA LEU A 455 9.27 7.74 15.09
C LEU A 455 9.38 6.23 15.28
N LYS A 456 8.33 5.64 15.84
CA LYS A 456 8.27 4.21 16.02
C LYS A 456 7.08 3.65 15.25
N LEU A 457 7.22 2.42 14.80
CA LEU A 457 6.14 1.80 14.04
C LEU A 457 5.13 1.18 14.98
N SER A 458 3.88 1.19 14.54
CA SER A 458 2.87 0.41 15.23
C SER A 458 3.38 -1.01 15.45
N LEU A 459 3.58 -1.38 16.73
CA LEU A 459 3.82 -2.76 17.12
C LEU A 459 2.71 -3.68 16.63
N GLY A 460 1.60 -3.13 16.17
CA GLY A 460 0.47 -3.88 15.67
C GLY A 460 0.66 -4.40 14.26
N GLY A 461 -0.40 -4.32 13.45
CA GLY A 461 -0.42 -5.06 12.21
C GLY A 461 -0.35 -4.21 10.95
N LEU A 462 -0.33 -2.90 11.11
CA LEU A 462 -0.22 -2.01 9.98
C LEU A 462 1.10 -1.27 10.05
N LEU A 463 1.58 -0.83 8.90
CA LEU A 463 2.73 0.07 8.91
C LEU A 463 2.17 1.47 9.09
N GLN A 464 2.19 1.92 10.33
CA GLN A 464 1.79 3.27 10.68
C GLN A 464 2.61 3.66 11.90
N PRO A 465 2.77 4.96 12.14
CA PRO A 465 3.50 5.38 13.35
C PRO A 465 2.73 4.98 14.59
N GLU A 466 3.47 4.64 15.65
CA GLU A 466 2.88 4.46 16.97
C GLU A 466 2.03 5.66 17.37
N LYS A 467 2.68 6.79 17.64
CA LYS A 467 1.99 8.06 17.84
C LYS A 467 1.88 8.76 16.47
N PRO A 468 0.82 9.53 16.24
CA PRO A 468 0.67 10.22 14.96
C PRO A 468 1.68 11.35 14.77
N VAL A 469 1.99 11.63 13.50
CA VAL A 469 3.03 12.61 13.18
C VAL A 469 2.49 14.03 13.34
N VAL A 470 3.08 14.79 14.26
CA VAL A 470 2.71 16.20 14.44
C VAL A 470 3.95 17.06 14.21
N LEU A 471 3.77 18.16 13.47
CA LEU A 471 4.88 18.98 13.03
C LEU A 471 4.44 20.44 13.00
N LYS A 472 5.43 21.32 13.07
CA LYS A 472 5.20 22.75 12.91
C LYS A 472 5.19 23.09 11.42
N VAL A 473 4.26 23.95 11.03
CA VAL A 473 4.09 24.36 9.64
C VAL A 473 4.21 25.86 9.58
N GLU A 474 5.11 26.34 8.75
CA GLU A 474 5.35 27.76 8.59
C GLU A 474 5.19 28.11 7.12
N SER A 475 4.72 29.32 6.86
CA SER A 475 4.46 29.78 5.50
CA SER A 475 4.46 29.79 5.49
C SER A 475 5.71 30.40 4.90
N ARG A 476 6.01 30.04 3.66
CA ARG A 476 7.09 30.69 2.93
C ARG A 476 6.56 32.03 2.42
CHA HEM B . -1.43 -4.49 -4.62
CHB HEM B . 1.69 -1.26 -2.81
CHC HEM B . -1.52 2.29 -3.54
CHD HEM B . -4.29 -0.80 -6.01
C1A HEM B . -0.31 -3.95 -4.03
C2A HEM B . 0.86 -4.66 -3.57
C3A HEM B . 1.72 -3.76 -3.06
C4A HEM B . 1.11 -2.46 -3.19
CMA HEM B . 3.14 -4.03 -2.46
CAA HEM B . 1.07 -6.18 -3.64
CBA HEM B . 1.66 -6.49 -5.03
CGA HEM B . 2.26 -7.88 -5.05
O1A HEM B . 3.17 -8.19 -5.88
O2A HEM B . 1.82 -8.70 -4.20
C1B HEM B . 1.09 0.00 -2.86
C2B HEM B . 1.67 1.23 -2.38
C3B HEM B . 0.78 2.22 -2.57
C4B HEM B . -0.38 1.63 -3.19
CMB HEM B . 3.08 1.31 -1.74
CAB HEM B . 0.86 3.73 -2.26
CBB HEM B . 2.00 4.42 -2.05
C1C HEM B . -2.51 1.76 -4.35
C2C HEM B . -3.52 2.55 -5.01
C3C HEM B . -4.31 1.73 -5.71
C4C HEM B . -3.80 0.38 -5.50
CMC HEM B . -3.67 4.10 -4.92
CAC HEM B . -5.48 2.30 -6.55
CBC HEM B . -6.37 1.53 -7.14
C1D HEM B . -3.75 -2.05 -5.77
C2D HEM B . -4.38 -3.26 -6.23
C3D HEM B . -3.61 -4.29 -5.86
C4D HEM B . -2.45 -3.76 -5.16
CMD HEM B . -5.72 -3.27 -6.98
CAD HEM B . -3.88 -5.79 -6.11
CBD HEM B . -3.34 -6.10 -7.50
CGD HEM B . -3.78 -7.49 -7.94
O1D HEM B . -3.97 -7.71 -9.15
O2D HEM B . -3.91 -8.42 -7.10
NA HEM B . -0.11 -2.61 -3.79
NB HEM B . -0.14 0.28 -3.37
NC HEM B . -2.71 0.43 -4.66
ND HEM B . -2.57 -2.39 -5.12
FE HEM B . -1.33 -1.01 -4.29
C10 G0M C . -5.77 -7.20 2.03
C12 G0M C . -6.62 -4.69 0.87
C13 G0M C . -7.28 -3.51 1.72
C14 G0M C . -8.57 -3.69 2.40
C15 G0M C . -8.74 -3.45 3.76
C16 G0M C . -9.93 -3.59 4.45
C17 G0M C . -11.06 -3.98 3.74
C18 G0M C . -10.94 -4.22 2.37
C01 G0M C . -3.85 -9.02 7.41
C02 G0M C . -5.29 -8.43 7.39
C03 G0M C . -6.35 -9.50 7.04
C04 G0M C . -5.60 -7.89 8.83
C06 G0M C . -5.02 -7.47 5.04
C09 G0M C . -5.00 -5.95 2.84
C19 G0M C . -9.73 -4.07 1.71
C20 G0M C . -6.44 -4.31 -0.59
C23 G0M C . -5.76 -2.31 -1.85
C24 G0M C . -4.34 -1.91 -1.51
C25 G0M C . -3.40 -1.68 -2.44
C27 G0M C . -1.71 -1.19 -0.91
C28 G0M C . -2.60 -1.41 0.16
C29 G0M C . -3.90 -1.78 -0.17
C30 G0M C . -3.66 -5.29 2.20
C31 G0M C . -3.11 -5.60 0.83
C32 G0M C . -1.75 -5.28 0.58
C33 G0M C . -1.15 -5.50 -0.62
C34 G0M C . -1.89 -6.10 -1.65
C35 G0M C . -3.22 -6.43 -1.46
C36 G0M C . -3.83 -6.18 -0.24
N08 G0M C . -4.75 -6.26 4.28
N22 G0M C . -6.10 -3.01 -0.75
N26 G0M C . -2.12 -1.33 -2.20
O05 G0M C . -5.44 -7.34 6.40
O07 G0M C . -4.86 -8.56 4.54
O21 G0M C . -6.55 -5.08 -1.51
S11 G0M C . -7.25 -6.49 1.04
#